data_4Q12
#
_entry.id   4Q12
#
_cell.length_a   271.940
_cell.length_b   271.940
_cell.length_c   271.940
_cell.angle_alpha   90.000
_cell.angle_beta   90.000
_cell.angle_gamma   90.000
#
_symmetry.space_group_name_H-M   'I 41 3 2'
#
loop_
_entity.id
_entity.type
_entity.pdbx_description
1 polymer 'Uncharacterized protein Rv3404c/MT3512'
2 non-polymer "URIDINE-5'-DIPHOSPHATE"
3 non-polymer 1,2-ETHANEDIOL
4 non-polymer 'CHLORIDE ION'
5 water water
#
_entity_poly.entity_id   1
_entity_poly.type   'polypeptide(L)'
_entity_poly.pdbx_seq_one_letter_code
;MAHHHHHHMGTLEAQTQGPGSMVTILILTDNVHAHALAVDLQARHGDMDVYQSPIGQLPGVPRCDVAERVAEIVERYDLV
LSFHCKQRFPAALIDGVRCVNVHPGFNPYNRGWFPQVFSIIDGQKVGVTIHEIDDQLDHGPIIAQRECAIESWDSSGSVY
ARLMDIERELVLEHFDAIRDGSYTAKSPATEGNLNLKKDFEQLRRLDLNERGTFGHFLNRLRALTHDDFRNAWFVDASGR
KVFVRVVLEPEKPAEA
;
_entity_poly.pdbx_strand_id   A,B
#
# COMPACT_ATOMS: atom_id res chain seq x y z
N SER A 21 -0.69 49.33 4.21
CA SER A 21 0.12 48.72 5.31
C SER A 21 -0.13 49.34 6.73
N MET A 22 -1.10 50.25 6.83
CA MET A 22 -1.61 50.71 8.13
C MET A 22 -2.14 49.53 8.99
N VAL A 23 -2.35 48.37 8.35
CA VAL A 23 -2.82 47.15 9.02
C VAL A 23 -1.71 46.21 9.51
N THR A 24 -1.54 46.16 10.83
CA THR A 24 -0.47 45.41 11.49
C THR A 24 -0.99 44.04 11.85
N ILE A 25 -0.42 43.02 11.23
CA ILE A 25 -0.93 41.66 11.33
C ILE A 25 -0.04 40.72 12.15
N LEU A 26 -0.67 39.99 13.07
CA LEU A 26 -0.04 38.88 13.76
C LEU A 26 -0.46 37.53 13.13
N ILE A 27 0.53 36.78 12.65
CA ILE A 27 0.26 35.43 12.17
C ILE A 27 0.64 34.35 13.18
N LEU A 28 -0.30 33.44 13.45
CA LEU A 28 -0.04 32.31 14.36
C LEU A 28 -0.23 30.99 13.65
N THR A 29 0.81 30.14 13.64
CA THR A 29 0.63 28.77 13.18
C THR A 29 1.71 27.83 13.69
N ASP A 30 1.32 26.60 14.02
CA ASP A 30 2.32 25.56 14.27
C ASP A 30 2.52 24.68 13.04
N ASN A 31 1.86 24.98 11.92
CA ASN A 31 1.97 24.11 10.76
C ASN A 31 3.12 24.51 9.85
N VAL A 32 3.92 23.53 9.42
CA VAL A 32 5.13 23.83 8.63
C VAL A 32 4.81 24.46 7.27
N HIS A 33 3.77 23.99 6.58
CA HIS A 33 3.37 24.60 5.30
C HIS A 33 2.78 26.00 5.44
N ALA A 34 1.90 26.17 6.44
CA ALA A 34 1.28 27.46 6.65
C ALA A 34 2.36 28.47 7.00
N HIS A 35 3.35 28.02 7.77
CA HIS A 35 4.45 28.88 8.14
C HIS A 35 5.17 29.38 6.91
N ALA A 36 5.52 28.48 5.99
CA ALA A 36 6.16 28.86 4.74
C ALA A 36 5.33 29.89 3.96
N LEU A 37 4.02 29.64 3.90
CA LEU A 37 3.09 30.57 3.31
C LEU A 37 3.10 31.92 4.06
N ALA A 38 3.15 31.88 5.39
CA ALA A 38 3.22 33.10 6.20
C ALA A 38 4.46 33.91 5.88
N VAL A 39 5.58 33.24 5.62
CA VAL A 39 6.80 33.92 5.23
C VAL A 39 6.63 34.68 3.93
N ASP A 40 5.98 34.07 2.93
CA ASP A 40 5.70 34.75 1.64
C ASP A 40 4.78 35.93 1.81
N LEU A 41 3.77 35.74 2.65
CA LEU A 41 2.82 36.77 2.98
C LEU A 41 3.54 37.94 3.62
N GLN A 42 4.59 37.62 4.38
CA GLN A 42 5.38 38.63 5.05
C GLN A 42 6.18 39.47 4.06
N ALA A 43 6.91 38.80 3.15
CA ALA A 43 7.57 39.44 2.00
C ALA A 43 6.63 40.37 1.22
N ARG A 44 5.45 39.87 0.85
CA ARG A 44 4.44 40.71 0.23
C ARG A 44 3.99 41.88 1.12
N HIS A 45 3.57 41.63 2.36
CA HIS A 45 2.92 42.68 3.16
C HIS A 45 3.83 43.56 4.04
N GLY A 46 4.65 42.98 4.91
CA GLY A 46 5.65 43.80 5.60
C GLY A 46 5.40 44.13 7.05
N ASP A 47 4.30 44.83 7.34
CA ASP A 47 3.92 45.12 8.74
C ASP A 47 3.23 43.90 9.39
N MET A 48 4.02 42.84 9.61
CA MET A 48 3.48 41.52 9.93
C MET A 48 4.47 40.68 10.72
N ASP A 49 4.00 40.10 11.83
CA ASP A 49 4.83 39.21 12.67
C ASP A 49 4.36 37.76 12.64
N VAL A 50 5.30 36.83 12.60
CA VAL A 50 5.00 35.39 12.54
C VAL A 50 5.48 34.62 13.77
N TYR A 51 4.53 34.03 14.52
CA TYR A 51 4.87 33.21 15.68
C TYR A 51 4.21 31.85 15.61
N GLN A 52 4.68 30.95 16.47
CA GLN A 52 4.02 29.67 16.74
C GLN A 52 3.55 29.63 18.19
N SER A 53 2.83 28.56 18.54
CA SER A 53 2.27 28.40 19.88
C SER A 53 3.34 27.85 20.83
N PRO A 54 3.09 27.95 22.15
CA PRO A 54 4.06 27.38 23.08
C PRO A 54 4.33 25.90 22.86
N ILE A 55 3.40 25.19 22.23
CA ILE A 55 3.59 23.73 22.03
C ILE A 55 3.95 23.38 20.58
N GLY A 56 4.06 24.41 19.75
CA GLY A 56 4.48 24.22 18.37
C GLY A 56 5.89 23.68 18.24
N GLN A 57 6.18 23.03 17.13
CA GLN A 57 7.46 22.38 16.94
C GLN A 57 8.23 22.85 15.72
N LEU A 58 7.91 24.04 15.24
CA LEU A 58 8.64 24.61 14.11
C LEU A 58 9.99 25.10 14.62
N PRO A 59 11.09 24.72 13.94
CA PRO A 59 12.38 25.11 14.48
C PRO A 59 12.65 26.61 14.27
N GLY A 60 13.14 27.25 15.33
CA GLY A 60 13.61 28.63 15.29
C GLY A 60 12.53 29.68 15.22
N VAL A 61 11.29 29.29 15.40
CA VAL A 61 10.18 30.25 15.26
C VAL A 61 9.79 30.70 16.67
N PRO A 62 9.74 32.00 16.92
CA PRO A 62 9.34 32.49 18.24
C PRO A 62 7.92 32.08 18.65
N ARG A 63 7.63 32.04 19.95
CA ARG A 63 6.32 31.61 20.47
C ARG A 63 5.54 32.73 21.15
N CYS A 64 4.26 32.98 20.76
CA CYS A 64 3.34 33.87 21.54
C CYS A 64 2.45 32.93 22.33
N ASP A 65 2.53 33.06 23.65
CA ASP A 65 1.55 32.43 24.54
C ASP A 65 0.35 33.37 24.54
N VAL A 66 -0.57 33.12 23.62
CA VAL A 66 -1.72 33.98 23.39
C VAL A 66 -2.50 34.25 24.67
N ALA A 67 -2.70 33.20 25.48
CA ALA A 67 -3.52 33.30 26.69
C ALA A 67 -3.01 34.36 27.67
N GLU A 68 -1.70 34.62 27.66
CA GLU A 68 -1.07 35.60 28.54
C GLU A 68 -0.89 36.98 27.92
N ARG A 69 -0.77 37.06 26.60
CA ARG A 69 -0.42 38.33 25.96
C ARG A 69 -1.61 39.09 25.37
N VAL A 70 -2.83 38.75 25.79
CA VAL A 70 -4.04 39.34 25.19
C VAL A 70 -3.98 40.87 25.07
N ALA A 71 -3.51 41.50 26.14
CA ALA A 71 -3.35 42.96 26.21
C ALA A 71 -2.39 43.48 25.14
N GLU A 72 -1.18 42.89 25.07
CA GLU A 72 -0.13 43.32 24.14
C GLU A 72 -0.64 43.20 22.73
N ILE A 73 -1.27 42.04 22.47
CA ILE A 73 -1.73 41.69 21.14
C ILE A 73 -2.77 42.71 20.64
N VAL A 74 -3.76 42.99 21.47
CA VAL A 74 -4.79 43.96 21.13
C VAL A 74 -4.21 45.35 20.85
N GLU A 75 -3.34 45.83 21.74
CA GLU A 75 -2.71 47.16 21.55
C GLU A 75 -1.87 47.16 20.27
N ARG A 76 -0.99 46.16 20.16
CA ARG A 76 0.01 46.08 19.10
C ARG A 76 -0.54 45.75 17.68
N TYR A 77 -1.60 44.93 17.60
CA TYR A 77 -2.11 44.41 16.31
C TYR A 77 -3.52 44.85 15.86
N ASP A 78 -3.74 44.80 14.54
CA ASP A 78 -5.02 45.17 13.93
C ASP A 78 -5.80 43.93 13.52
N LEU A 79 -5.05 42.86 13.24
CA LEU A 79 -5.60 41.60 12.79
C LEU A 79 -4.73 40.44 13.25
N VAL A 80 -5.35 39.43 13.86
CA VAL A 80 -4.68 38.17 14.15
C VAL A 80 -5.15 37.13 13.14
N LEU A 81 -4.22 36.63 12.33
CA LEU A 81 -4.52 35.59 11.35
C LEU A 81 -3.84 34.26 11.71
N SER A 82 -4.64 33.26 12.11
CA SER A 82 -4.10 31.95 12.44
C SER A 82 -4.35 30.88 11.37
N PHE A 83 -3.47 29.89 11.31
CA PHE A 83 -3.59 28.81 10.33
C PHE A 83 -3.61 27.48 11.06
N HIS A 84 -4.68 26.72 10.91
CA HIS A 84 -4.75 25.34 11.42
C HIS A 84 -4.78 25.33 12.96
N CYS A 85 -5.27 26.40 13.57
CA CYS A 85 -5.37 26.48 15.03
C CYS A 85 -6.22 25.37 15.64
N LYS A 86 -5.75 24.84 16.77
CA LYS A 86 -6.46 23.76 17.45
C LYS A 86 -7.03 24.10 18.83
N GLN A 87 -6.39 25.06 19.51
CA GLN A 87 -6.89 25.61 20.77
C GLN A 87 -7.88 26.74 20.42
N ARG A 88 -8.79 27.04 21.36
CA ARG A 88 -9.73 28.15 21.23
C ARG A 88 -9.10 29.45 21.71
N PHE A 89 -9.44 30.54 21.04
CA PHE A 89 -8.96 31.86 21.47
C PHE A 89 -9.74 32.35 22.70
N PRO A 90 -9.04 33.02 23.64
CA PRO A 90 -9.77 33.61 24.78
C PRO A 90 -10.76 34.71 24.33
N ALA A 91 -11.96 34.70 24.92
CA ALA A 91 -13.03 35.65 24.54
C ALA A 91 -12.56 37.10 24.42
N ALA A 92 -11.68 37.49 25.35
CA ALA A 92 -11.13 38.84 25.41
C ALA A 92 -10.34 39.22 24.14
N LEU A 93 -9.63 38.24 23.58
CA LEU A 93 -8.87 38.46 22.36
C LEU A 93 -9.79 38.63 21.16
N ILE A 94 -10.77 37.73 21.05
CA ILE A 94 -11.78 37.76 20.01
C ILE A 94 -12.45 39.14 19.97
N ASP A 95 -12.75 39.69 21.14
CA ASP A 95 -13.31 41.05 21.27
C ASP A 95 -12.41 42.23 20.91
N GLY A 96 -11.15 42.16 21.32
CA GLY A 96 -10.24 43.31 21.25
C GLY A 96 -9.59 43.52 19.90
N VAL A 97 -9.52 42.45 19.12
CA VAL A 97 -8.92 42.54 17.80
C VAL A 97 -9.62 41.56 16.88
N ARG A 98 -9.66 41.88 15.58
CA ARG A 98 -10.26 41.01 14.58
C ARG A 98 -9.42 39.73 14.43
N CYS A 99 -10.06 38.58 14.68
CA CYS A 99 -9.39 37.28 14.58
C CYS A 99 -9.95 36.39 13.45
N VAL A 100 -9.05 35.94 12.59
CA VAL A 100 -9.40 35.08 11.47
C VAL A 100 -8.53 33.82 11.46
N ASN A 101 -9.13 32.68 11.16
CA ASN A 101 -8.42 31.40 11.07
C ASN A 101 -8.55 30.77 9.69
N VAL A 102 -7.49 30.07 9.27
CA VAL A 102 -7.54 29.30 8.06
C VAL A 102 -7.49 27.83 8.43
N HIS A 103 -8.58 27.12 8.16
CA HIS A 103 -8.72 25.71 8.54
C HIS A 103 -8.69 24.82 7.30
N PRO A 104 -7.91 23.73 7.33
CA PRO A 104 -7.86 22.90 6.12
C PRO A 104 -8.92 21.79 6.13
N GLY A 105 -10.17 22.21 6.40
CA GLY A 105 -11.35 21.41 6.15
C GLY A 105 -12.40 22.33 5.54
N PHE A 106 -13.51 21.74 5.08
CA PHE A 106 -14.63 22.52 4.55
C PHE A 106 -15.69 22.67 5.63
N ASN A 107 -15.67 23.79 6.38
CA ASN A 107 -16.67 24.00 7.44
C ASN A 107 -18.08 23.95 6.88
N PRO A 108 -19.04 23.42 7.65
CA PRO A 108 -18.88 22.90 9.00
C PRO A 108 -18.58 21.40 9.07
N TYR A 109 -18.22 20.78 7.96
CA TYR A 109 -18.03 19.33 7.93
C TYR A 109 -16.62 18.92 8.38
N ASN A 110 -16.56 17.98 9.32
CA ASN A 110 -15.30 17.46 9.82
C ASN A 110 -14.37 18.59 10.29
N ARG A 111 -14.96 19.48 11.06
CA ARG A 111 -14.24 20.49 11.81
C ARG A 111 -13.22 19.82 12.73
N GLY A 112 -12.16 20.54 13.07
CA GLY A 112 -11.18 20.00 13.99
C GLY A 112 -10.06 19.25 13.30
N TRP A 113 -9.67 18.12 13.89
CA TRP A 113 -8.41 17.46 13.54
C TRP A 113 -8.46 16.74 12.21
N PHE A 114 -7.43 16.98 11.39
CA PHE A 114 -7.20 16.21 10.17
C PHE A 114 -8.48 15.94 9.35
N PRO A 115 -9.14 17.01 8.85
CA PRO A 115 -10.43 16.83 8.17
C PRO A 115 -10.46 15.77 7.07
N GLN A 116 -9.46 15.74 6.18
CA GLN A 116 -9.52 14.82 5.06
C GLN A 116 -9.47 13.34 5.49
N VAL A 117 -8.90 13.04 6.65
CA VAL A 117 -8.94 11.65 7.14
C VAL A 117 -10.40 11.23 7.32
N PHE A 118 -11.16 12.06 8.02
CA PHE A 118 -12.53 11.71 8.32
C PHE A 118 -13.43 11.83 7.11
N SER A 119 -13.09 12.74 6.19
CA SER A 119 -13.88 12.91 4.97
C SER A 119 -13.75 11.72 4.03
N ILE A 120 -12.55 11.15 3.94
CA ILE A 120 -12.33 9.97 3.14
C ILE A 120 -13.24 8.85 3.65
N ILE A 121 -13.44 8.79 4.96
CA ILE A 121 -14.27 7.74 5.52
C ILE A 121 -15.78 8.01 5.40
N ASP A 122 -16.24 9.21 5.74
CA ASP A 122 -17.68 9.45 5.87
C ASP A 122 -18.31 10.04 4.60
N GLY A 123 -17.46 10.47 3.67
CA GLY A 123 -17.93 10.97 2.41
C GLY A 123 -18.32 12.43 2.44
N GLN A 124 -18.17 13.12 3.57
CA GLN A 124 -18.46 14.57 3.61
C GLN A 124 -17.41 15.35 2.86
N LYS A 125 -17.73 16.59 2.49
CA LYS A 125 -16.80 17.41 1.71
C LYS A 125 -15.54 17.75 2.51
N VAL A 126 -14.42 17.89 1.81
CA VAL A 126 -13.25 18.50 2.41
C VAL A 126 -12.79 19.71 1.57
N GLY A 127 -11.94 20.56 2.13
CA GLY A 127 -11.51 21.77 1.43
C GLY A 127 -10.74 22.65 2.39
N VAL A 128 -10.64 23.94 2.08
CA VAL A 128 -9.98 24.89 2.97
C VAL A 128 -10.98 25.99 3.26
N THR A 129 -11.13 26.37 4.53
CA THR A 129 -12.08 27.41 4.89
C THR A 129 -11.37 28.53 5.61
N ILE A 130 -11.59 29.77 5.17
CA ILE A 130 -11.10 30.95 5.88
C ILE A 130 -12.31 31.54 6.61
N HIS A 131 -12.18 31.72 7.93
CA HIS A 131 -13.33 32.11 8.74
C HIS A 131 -12.98 32.99 9.92
N GLU A 132 -13.94 33.79 10.35
CA GLU A 132 -13.84 34.56 11.57
C GLU A 132 -13.91 33.61 12.75
N ILE A 133 -13.10 33.89 13.77
CA ILE A 133 -13.02 33.06 14.99
C ILE A 133 -14.11 33.43 16.01
N ASP A 134 -14.79 32.41 16.51
CA ASP A 134 -15.61 32.57 17.71
C ASP A 134 -15.14 31.61 18.81
N ASP A 135 -16.00 31.33 19.78
CA ASP A 135 -15.61 30.58 21.00
C ASP A 135 -15.52 29.05 20.80
N GLN A 136 -16.05 28.58 19.68
CA GLN A 136 -16.01 27.16 19.36
C GLN A 136 -14.98 26.91 18.27
N LEU A 137 -14.52 25.68 18.18
CA LEU A 137 -13.43 25.34 17.25
C LEU A 137 -13.92 25.24 15.80
N ASP A 138 -13.26 25.96 14.89
CA ASP A 138 -13.58 25.93 13.45
C ASP A 138 -15.05 26.19 13.21
N HIS A 139 -15.51 27.31 13.77
CA HIS A 139 -16.90 27.66 13.85
C HIS A 139 -17.06 29.13 13.49
N GLY A 140 -18.24 29.48 12.99
CA GLY A 140 -18.52 30.91 12.81
C GLY A 140 -18.16 31.51 11.46
N PRO A 141 -18.59 32.75 11.24
CA PRO A 141 -18.75 33.43 9.95
C PRO A 141 -17.67 33.08 8.94
N ILE A 142 -18.06 32.44 7.83
CA ILE A 142 -17.12 32.07 6.77
C ILE A 142 -16.80 33.24 5.84
N ILE A 143 -15.51 33.51 5.64
CA ILE A 143 -15.05 34.52 4.70
C ILE A 143 -14.95 33.94 3.27
N ALA A 144 -14.26 32.81 3.10
CA ALA A 144 -14.18 32.08 1.82
C ALA A 144 -13.86 30.60 2.07
N GLN A 145 -14.23 29.72 1.13
CA GLN A 145 -13.86 28.29 1.17
C GLN A 145 -13.86 27.69 -0.25
N ARG A 146 -12.92 26.78 -0.53
CA ARG A 146 -12.92 26.04 -1.80
C ARG A 146 -12.99 24.58 -1.40
N GLU A 147 -13.81 23.79 -2.11
CA GLU A 147 -13.84 22.36 -1.87
C GLU A 147 -12.68 21.67 -2.61
N CYS A 148 -12.23 20.53 -2.09
CA CYS A 148 -11.25 19.71 -2.76
C CYS A 148 -11.87 18.32 -3.01
N ALA A 149 -11.83 17.85 -4.26
CA ALA A 149 -12.46 16.56 -4.56
C ALA A 149 -11.65 15.41 -3.98
N ILE A 150 -12.33 14.39 -3.49
CA ILE A 150 -11.65 13.18 -3.06
C ILE A 150 -11.85 12.05 -4.07
N GLU A 151 -10.82 11.79 -4.86
CA GLU A 151 -10.87 10.70 -5.83
C GLU A 151 -10.86 9.35 -5.16
N SER A 152 -11.35 8.34 -5.88
CA SER A 152 -11.42 6.98 -5.38
C SER A 152 -10.03 6.39 -5.11
N TRP A 153 -9.00 6.99 -5.68
CA TRP A 153 -7.64 6.52 -5.48
C TRP A 153 -6.84 7.39 -4.53
N ASP A 154 -7.44 8.48 -4.04
CA ASP A 154 -6.75 9.36 -3.10
C ASP A 154 -6.47 8.67 -1.77
N SER A 155 -5.31 8.99 -1.18
CA SER A 155 -5.03 8.70 0.22
C SER A 155 -5.12 10.02 0.99
N SER A 156 -5.13 9.96 2.32
CA SER A 156 -4.99 11.16 3.13
C SER A 156 -3.82 12.04 2.65
N GLY A 157 -2.67 11.42 2.42
CA GLY A 157 -1.48 12.11 1.96
C GLY A 157 -1.70 12.93 0.70
N SER A 158 -2.22 12.30 -0.34
CA SER A 158 -2.45 12.98 -1.61
C SER A 158 -3.49 14.09 -1.47
N VAL A 159 -4.57 13.85 -0.72
CA VAL A 159 -5.53 14.93 -0.53
C VAL A 159 -4.85 16.10 0.23
N TYR A 160 -4.11 15.78 1.29
CA TYR A 160 -3.52 16.84 2.09
C TYR A 160 -2.62 17.77 1.28
N ALA A 161 -1.79 17.18 0.43
CA ALA A 161 -0.95 17.92 -0.48
C ALA A 161 -1.79 18.87 -1.33
N ARG A 162 -2.90 18.38 -1.90
CA ARG A 162 -3.76 19.27 -2.67
C ARG A 162 -4.35 20.40 -1.81
N LEU A 163 -4.77 20.06 -0.59
CA LEU A 163 -5.32 21.05 0.33
C LEU A 163 -4.32 22.16 0.61
N MET A 164 -3.04 21.81 0.75
CA MET A 164 -2.01 22.83 0.99
C MET A 164 -1.82 23.77 -0.20
N ASP A 165 -1.96 23.25 -1.40
CA ASP A 165 -1.99 24.09 -2.60
C ASP A 165 -3.21 24.96 -2.65
N ILE A 166 -4.37 24.40 -2.30
CA ILE A 166 -5.60 25.18 -2.29
C ILE A 166 -5.47 26.32 -1.28
N GLU A 167 -4.98 26.00 -0.08
CA GLU A 167 -4.77 26.97 0.98
C GLU A 167 -3.90 28.12 0.51
N ARG A 168 -2.75 27.78 -0.09
CA ARG A 168 -1.85 28.80 -0.62
C ARG A 168 -2.57 29.70 -1.64
N GLU A 169 -3.29 29.12 -2.60
CA GLU A 169 -3.98 29.93 -3.60
C GLU A 169 -5.11 30.71 -2.98
N LEU A 170 -5.90 30.08 -2.13
CA LEU A 170 -7.05 30.77 -1.54
C LEU A 170 -6.61 31.97 -0.70
N VAL A 171 -5.59 31.76 0.13
CA VAL A 171 -5.14 32.82 1.03
C VAL A 171 -4.49 33.92 0.22
N LEU A 172 -3.64 33.56 -0.73
CA LEU A 172 -2.98 34.58 -1.57
C LEU A 172 -4.01 35.37 -2.34
N GLU A 173 -4.98 34.67 -2.95
CA GLU A 173 -6.03 35.32 -3.72
C GLU A 173 -6.83 36.28 -2.85
N HIS A 174 -7.18 35.86 -1.64
CA HIS A 174 -8.01 36.72 -0.79
C HIS A 174 -7.26 37.55 0.26
N PHE A 175 -5.93 37.60 0.19
CA PHE A 175 -5.20 38.30 1.24
C PHE A 175 -5.66 39.74 1.45
N ASP A 176 -5.78 40.49 0.34
CA ASP A 176 -6.09 41.91 0.41
C ASP A 176 -7.40 42.12 1.13
N ALA A 177 -8.42 41.34 0.75
CA ALA A 177 -9.75 41.42 1.36
C ALA A 177 -9.74 41.08 2.85
N ILE A 178 -8.98 40.05 3.23
CA ILE A 178 -8.82 39.71 4.65
C ILE A 178 -8.17 40.87 5.42
N ARG A 179 -7.11 41.44 4.84
CA ARG A 179 -6.37 42.52 5.46
C ARG A 179 -7.27 43.74 5.69
N ASP A 180 -7.99 44.12 4.63
CA ASP A 180 -8.83 45.31 4.63
C ASP A 180 -10.17 45.12 5.32
N GLY A 181 -10.59 43.87 5.50
CA GLY A 181 -11.87 43.59 6.15
C GLY A 181 -13.03 43.77 5.18
N SER A 182 -12.72 43.80 3.88
CA SER A 182 -13.71 44.07 2.84
C SER A 182 -14.33 42.79 2.32
N TYR A 183 -15.12 42.18 3.20
CA TYR A 183 -15.89 41.00 2.88
C TYR A 183 -17.09 41.04 3.81
N THR A 184 -18.06 40.18 3.58
CA THR A 184 -19.14 40.01 4.51
C THR A 184 -19.15 38.53 4.73
N ALA A 185 -18.82 38.12 5.94
CA ALA A 185 -18.74 36.69 6.27
C ALA A 185 -20.11 36.13 6.58
N LYS A 186 -20.34 34.88 6.19
CA LYS A 186 -21.64 34.26 6.34
C LYS A 186 -21.50 33.00 7.21
N SER A 187 -22.32 32.90 8.26
CA SER A 187 -22.29 31.73 9.13
C SER A 187 -22.83 30.49 8.41
N PRO A 188 -22.19 29.32 8.64
CA PRO A 188 -22.74 28.14 7.99
C PRO A 188 -24.16 27.81 8.46
N ALA A 189 -24.94 27.20 7.56
CA ALA A 189 -26.32 26.79 7.81
C ALA A 189 -26.50 25.93 9.09
N THR A 190 -25.56 25.03 9.34
CA THR A 190 -25.67 24.04 10.41
C THR A 190 -24.37 23.96 11.23
N GLU A 191 -24.40 23.18 12.31
CA GLU A 191 -23.25 23.08 13.22
C GLU A 191 -22.17 22.14 12.71
N GLY A 192 -22.57 21.18 11.85
CA GLY A 192 -21.66 20.16 11.36
C GLY A 192 -21.26 19.18 12.44
N ASN A 193 -20.01 18.73 12.39
CA ASN A 193 -19.46 17.81 13.37
C ASN A 193 -18.01 18.15 13.69
N LEU A 194 -17.54 17.70 14.85
CA LEU A 194 -16.22 18.04 15.32
C LEU A 194 -15.42 16.77 15.62
N ASN A 195 -14.17 16.72 15.16
CA ASN A 195 -13.29 15.58 15.42
C ASN A 195 -12.09 16.07 16.21
N LEU A 196 -11.69 15.30 17.22
CA LEU A 196 -10.53 15.65 18.03
C LEU A 196 -9.38 14.65 17.89
N LYS A 197 -8.22 15.00 18.44
CA LYS A 197 -7.04 14.14 18.35
C LYS A 197 -7.34 12.67 18.77
N LYS A 198 -8.11 12.47 19.87
CA LYS A 198 -8.56 11.13 20.33
C LYS A 198 -9.26 10.38 19.19
N ASP A 199 -10.07 11.08 18.40
CA ASP A 199 -10.82 10.45 17.29
C ASP A 199 -9.88 9.91 16.22
N PHE A 200 -8.85 10.66 15.87
CA PHE A 200 -7.87 10.11 14.96
C PHE A 200 -7.17 8.90 15.58
N GLU A 201 -6.75 9.01 16.84
CA GLU A 201 -6.05 7.91 17.49
C GLU A 201 -6.86 6.64 17.48
N GLN A 202 -8.17 6.73 17.73
CA GLN A 202 -9.02 5.57 17.71
C GLN A 202 -9.11 4.89 16.36
N LEU A 203 -9.08 5.66 15.28
CA LEU A 203 -9.05 5.07 13.94
C LEU A 203 -7.85 4.16 13.66
N ARG A 204 -6.73 4.44 14.32
CA ARG A 204 -5.48 3.79 13.97
C ARG A 204 -5.46 2.28 14.20
N ARG A 205 -6.12 1.80 15.24
CA ARG A 205 -6.09 0.37 15.50
C ARG A 205 -7.03 -0.36 14.57
N LEU A 206 -6.47 -1.29 13.80
CA LEU A 206 -7.27 -2.15 12.93
C LEU A 206 -7.70 -3.40 13.67
N ASP A 207 -8.99 -3.65 13.75
CA ASP A 207 -9.48 -4.86 14.38
C ASP A 207 -9.67 -5.92 13.29
N LEU A 208 -8.81 -6.91 13.26
CA LEU A 208 -8.86 -7.90 12.18
C LEU A 208 -10.18 -8.68 12.10
N ASN A 209 -10.95 -8.64 13.19
CA ASN A 209 -12.20 -9.32 13.23
C ASN A 209 -13.40 -8.50 12.83
N GLU A 210 -13.21 -7.19 12.68
CA GLU A 210 -14.29 -6.30 12.29
C GLU A 210 -14.84 -6.70 10.92
N ARG A 211 -16.16 -6.69 10.77
CA ARG A 211 -16.79 -7.00 9.51
C ARG A 211 -17.22 -5.73 8.78
N GLY A 212 -17.26 -5.77 7.44
CA GLY A 212 -17.62 -4.60 6.62
C GLY A 212 -17.39 -4.89 5.15
N THR A 213 -17.66 -3.91 4.29
CA THR A 213 -17.40 -4.09 2.85
C THR A 213 -15.96 -3.80 2.53
N PHE A 214 -15.48 -4.26 1.37
CA PHE A 214 -14.10 -3.99 0.97
C PHE A 214 -13.88 -2.51 0.80
N GLY A 215 -14.83 -1.83 0.19
CA GLY A 215 -14.79 -0.39 0.09
C GLY A 215 -14.63 0.28 1.44
N HIS A 216 -15.34 -0.20 2.46
CA HIS A 216 -15.23 0.37 3.79
C HIS A 216 -13.79 0.20 4.31
N PHE A 217 -13.23 -1.00 4.20
CA PHE A 217 -11.88 -1.27 4.69
C PHE A 217 -10.85 -0.49 3.90
N LEU A 218 -11.07 -0.39 2.61
CA LEU A 218 -10.17 0.31 1.73
C LEU A 218 -10.12 1.81 2.07
N ASN A 219 -11.29 2.39 2.34
CA ASN A 219 -11.35 3.78 2.77
C ASN A 219 -10.59 4.00 4.06
N ARG A 220 -10.82 3.12 5.03
CA ARG A 220 -10.12 3.14 6.28
C ARG A 220 -8.60 3.21 6.07
N LEU A 221 -8.07 2.29 5.25
CA LEU A 221 -6.63 2.26 4.97
C LEU A 221 -6.13 3.51 4.27
N ARG A 222 -6.89 4.02 3.29
CA ARG A 222 -6.36 5.14 2.54
C ARG A 222 -6.45 6.40 3.40
N ALA A 223 -7.45 6.46 4.28
CA ALA A 223 -7.61 7.60 5.18
C ALA A 223 -6.42 7.64 6.17
N LEU A 224 -5.83 6.48 6.43
CA LEU A 224 -4.69 6.36 7.34
C LEU A 224 -3.33 6.28 6.63
N THR A 225 -3.33 6.37 5.30
CA THR A 225 -2.08 6.41 4.54
C THR A 225 -1.72 7.88 4.25
N HIS A 226 -0.60 8.33 4.80
CA HIS A 226 -0.11 9.68 4.57
C HIS A 226 1.40 9.57 4.47
N ASP A 227 1.91 9.45 3.25
CA ASP A 227 3.32 9.19 2.99
C ASP A 227 3.83 8.14 3.94
N ASP A 228 4.77 8.52 4.80
CA ASP A 228 5.53 7.56 5.60
C ASP A 228 4.96 7.27 6.96
N PHE A 229 4.01 8.08 7.41
CA PHE A 229 3.43 7.94 8.74
C PHE A 229 2.96 6.52 8.97
N ARG A 230 3.42 5.93 10.08
CA ARG A 230 2.98 4.60 10.43
CA ARG A 230 2.99 4.60 10.49
C ARG A 230 1.73 4.76 11.30
N ASN A 231 0.60 5.00 10.64
CA ASN A 231 -0.67 5.26 11.32
C ASN A 231 -1.43 3.98 11.66
N ALA A 232 -1.77 3.21 10.64
CA ALA A 232 -2.64 2.05 10.83
C ALA A 232 -1.82 0.91 11.37
N TRP A 233 -2.36 0.15 12.30
CA TRP A 233 -1.64 -1.03 12.80
C TRP A 233 -2.60 -2.08 13.31
N PHE A 234 -2.12 -3.32 13.33
CA PHE A 234 -2.81 -4.37 14.03
C PHE A 234 -1.80 -5.16 14.84
N VAL A 235 -2.28 -5.96 15.78
CA VAL A 235 -1.42 -6.87 16.49
C VAL A 235 -1.72 -8.30 16.05
N ASP A 236 -0.70 -9.00 15.54
CA ASP A 236 -0.96 -10.34 15.02
C ASP A 236 -1.14 -11.41 16.11
N ALA A 237 -1.51 -12.61 15.68
CA ALA A 237 -1.75 -13.75 16.56
C ALA A 237 -0.61 -14.00 17.56
N SER A 238 0.64 -13.77 17.14
CA SER A 238 1.80 -13.92 18.04
C SER A 238 2.17 -12.64 18.84
N GLY A 239 1.29 -11.64 18.86
CA GLY A 239 1.57 -10.41 19.59
C GLY A 239 2.54 -9.40 18.95
N ARG A 240 2.81 -9.57 17.65
CA ARG A 240 3.66 -8.63 16.92
C ARG A 240 2.84 -7.49 16.31
N LYS A 241 3.29 -6.26 16.49
CA LYS A 241 2.57 -5.14 15.94
C LYS A 241 3.01 -4.95 14.50
N VAL A 242 2.04 -4.75 13.61
CA VAL A 242 2.32 -4.61 12.19
C VAL A 242 1.65 -3.35 11.64
N PHE A 243 2.45 -2.53 10.96
CA PHE A 243 1.96 -1.29 10.34
C PHE A 243 1.47 -1.48 8.91
N VAL A 244 0.34 -0.86 8.58
CA VAL A 244 -0.31 -1.05 7.29
C VAL A 244 -0.46 0.30 6.60
N ARG A 245 -0.09 0.37 5.34
CA ARG A 245 -0.54 1.50 4.53
C ARG A 245 -0.81 0.98 3.13
N VAL A 246 -1.56 1.76 2.36
CA VAL A 246 -2.07 1.29 1.08
C VAL A 246 -1.55 2.15 -0.07
N VAL A 247 -1.44 1.58 -1.27
CA VAL A 247 -0.99 2.31 -2.46
C VAL A 247 -2.05 2.14 -3.54
N LEU A 248 -2.58 3.26 -4.02
CA LEU A 248 -3.64 3.24 -5.01
C LEU A 248 -3.16 4.00 -6.21
N GLU A 249 -3.22 3.38 -7.38
CA GLU A 249 -2.71 4.00 -8.61
C GLU A 249 -3.78 3.91 -9.69
N PRO A 250 -4.35 5.05 -10.12
CA PRO A 250 -5.30 5.05 -11.23
C PRO A 250 -4.61 4.77 -12.56
N GLU A 251 -5.26 4.03 -13.46
CA GLU A 251 -4.71 3.76 -14.81
C GLU A 251 -4.44 5.07 -15.61
N LYS A 252 -3.44 5.01 -16.50
CA LYS A 252 -3.05 6.11 -17.43
C LYS A 252 -4.19 6.59 -18.36
N MET B 22 28.52 -37.75 -18.20
CA MET B 22 27.97 -39.10 -17.86
C MET B 22 26.45 -39.03 -18.00
N VAL B 23 25.78 -38.19 -17.19
CA VAL B 23 24.33 -37.96 -17.31
C VAL B 23 24.10 -36.61 -17.96
N THR B 24 23.51 -36.64 -19.16
CA THR B 24 23.25 -35.43 -19.93
C THR B 24 21.86 -34.90 -19.60
N ILE B 25 21.82 -33.69 -19.04
CA ILE B 25 20.58 -33.09 -18.56
C ILE B 25 20.03 -32.02 -19.51
N LEU B 26 18.73 -32.07 -19.76
CA LEU B 26 18.02 -30.94 -20.37
C LEU B 26 17.25 -30.17 -19.30
N ILE B 27 17.58 -28.90 -19.14
CA ILE B 27 16.84 -28.02 -18.25
C ILE B 27 15.84 -27.14 -19.02
N LEU B 28 14.60 -27.13 -18.55
CA LEU B 28 13.54 -26.34 -19.17
C LEU B 28 12.95 -25.43 -18.12
N THR B 29 13.02 -24.13 -18.37
CA THR B 29 12.30 -23.19 -17.53
C THR B 29 12.03 -21.87 -18.25
N ASP B 30 10.88 -21.26 -17.93
CA ASP B 30 10.57 -19.92 -18.42
C ASP B 30 10.79 -18.88 -17.33
N ASN B 31 11.16 -19.34 -16.14
CA ASN B 31 11.33 -18.46 -14.99
C ASN B 31 12.71 -17.82 -14.92
N VAL B 32 12.76 -16.50 -14.68
CA VAL B 32 14.05 -15.79 -14.70
C VAL B 32 15.00 -16.25 -13.61
N HIS B 33 14.48 -16.49 -12.40
CA HIS B 33 15.32 -16.95 -11.30
C HIS B 33 15.78 -18.37 -11.50
N ALA B 34 14.87 -19.24 -11.94
CA ALA B 34 15.24 -20.62 -12.18
C ALA B 34 16.29 -20.69 -13.28
N HIS B 35 16.14 -19.86 -14.31
CA HIS B 35 17.11 -19.82 -15.38
C HIS B 35 18.50 -19.49 -14.82
N ALA B 36 18.58 -18.46 -13.96
CA ALA B 36 19.87 -18.09 -13.36
C ALA B 36 20.46 -19.26 -12.57
N LEU B 37 19.62 -19.93 -11.79
CA LEU B 37 20.00 -21.13 -11.07
C LEU B 37 20.49 -22.22 -12.02
N ALA B 38 19.79 -22.41 -13.13
CA ALA B 38 20.22 -23.38 -14.15
C ALA B 38 21.57 -23.03 -14.74
N VAL B 39 21.82 -21.74 -14.96
CA VAL B 39 23.12 -21.30 -15.45
C VAL B 39 24.24 -21.67 -14.47
N ASP B 40 23.99 -21.58 -13.15
CA ASP B 40 25.00 -22.01 -12.17
C ASP B 40 25.21 -23.49 -12.15
N LEU B 41 24.11 -24.25 -12.22
CA LEU B 41 24.23 -25.68 -12.29
C LEU B 41 25.02 -26.11 -13.52
N GLN B 42 24.91 -25.34 -14.59
CA GLN B 42 25.63 -25.62 -15.81
C GLN B 42 27.14 -25.43 -15.60
N ALA B 43 27.52 -24.34 -14.94
CA ALA B 43 28.89 -24.15 -14.47
C ALA B 43 29.42 -25.32 -13.62
N ARG B 44 28.66 -25.83 -12.65
CA ARG B 44 29.06 -27.03 -11.90
C ARG B 44 29.09 -28.31 -12.74
N HIS B 45 27.94 -28.80 -13.20
CA HIS B 45 27.82 -30.12 -13.85
C HIS B 45 28.26 -30.10 -15.31
N GLY B 46 27.81 -29.14 -16.09
CA GLY B 46 28.42 -28.95 -17.39
C GLY B 46 27.86 -29.77 -18.53
N ASP B 47 27.48 -31.01 -18.30
CA ASP B 47 26.90 -31.79 -19.39
C ASP B 47 25.37 -31.60 -19.49
N MET B 48 24.98 -30.39 -19.86
CA MET B 48 23.66 -29.87 -19.55
C MET B 48 23.32 -28.72 -20.49
N ASP B 49 22.15 -28.78 -21.11
CA ASP B 49 21.62 -27.69 -21.93
C ASP B 49 20.43 -26.98 -21.26
N VAL B 50 20.38 -25.66 -21.38
CA VAL B 50 19.30 -24.87 -20.78
C VAL B 50 18.45 -24.19 -21.84
N TYR B 51 17.17 -24.56 -21.90
CA TYR B 51 16.23 -23.96 -22.87
C TYR B 51 15.00 -23.42 -22.18
N GLN B 52 14.21 -22.62 -22.90
CA GLN B 52 12.89 -22.17 -22.45
C GLN B 52 11.84 -22.72 -23.42
N SER B 53 10.56 -22.52 -23.13
CA SER B 53 9.48 -23.02 -23.96
C SER B 53 9.18 -22.09 -25.14
N PRO B 54 8.33 -22.52 -26.09
CA PRO B 54 7.99 -21.63 -27.20
C PRO B 54 7.35 -20.35 -26.73
N ILE B 55 6.71 -20.35 -25.55
CA ILE B 55 5.98 -19.13 -25.08
C ILE B 55 6.70 -18.38 -23.98
N GLY B 56 7.87 -18.87 -23.57
CA GLY B 56 8.70 -18.20 -22.57
C GLY B 56 9.22 -16.86 -23.06
N GLN B 57 9.65 -16.01 -22.13
CA GLN B 57 10.08 -14.66 -22.48
C GLN B 57 11.45 -14.26 -21.98
N LEU B 58 12.31 -15.23 -21.78
CA LEU B 58 13.67 -14.94 -21.34
C LEU B 58 14.47 -14.45 -22.55
N PRO B 59 15.21 -13.33 -22.40
CA PRO B 59 15.94 -12.75 -23.54
C PRO B 59 17.08 -13.64 -23.98
N GLY B 60 17.12 -13.94 -25.28
CA GLY B 60 18.22 -14.70 -25.87
C GLY B 60 18.35 -16.18 -25.52
N VAL B 61 17.36 -16.76 -24.85
CA VAL B 61 17.43 -18.18 -24.48
C VAL B 61 16.75 -19.04 -25.56
N PRO B 62 17.44 -20.07 -26.07
CA PRO B 62 16.83 -20.91 -27.11
C PRO B 62 15.57 -21.66 -26.63
N ARG B 63 14.75 -22.15 -27.56
CA ARG B 63 13.46 -22.75 -27.22
C ARG B 63 13.33 -24.23 -27.65
N CYS B 64 13.07 -25.19 -26.74
CA CYS B 64 12.64 -26.58 -27.18
C CYS B 64 11.10 -26.53 -27.21
N ASP B 65 10.54 -26.87 -28.37
CA ASP B 65 9.11 -27.10 -28.51
C ASP B 65 8.87 -28.56 -28.14
N VAL B 66 8.81 -28.81 -26.84
CA VAL B 66 8.87 -30.16 -26.27
C VAL B 66 7.94 -31.16 -26.94
N ALA B 67 6.68 -30.73 -27.12
CA ALA B 67 5.63 -31.56 -27.73
C ALA B 67 6.03 -32.20 -29.07
N GLU B 68 6.85 -31.51 -29.85
CA GLU B 68 7.25 -31.99 -31.18
C GLU B 68 8.66 -32.56 -31.27
N ARG B 69 9.43 -32.49 -30.18
CA ARG B 69 10.82 -32.93 -30.22
C ARG B 69 11.04 -34.11 -29.28
N VAL B 70 9.95 -34.80 -28.94
CA VAL B 70 9.98 -35.89 -27.98
C VAL B 70 11.04 -36.95 -28.30
N ALA B 71 11.05 -37.40 -29.56
CA ALA B 71 12.00 -38.41 -30.00
C ALA B 71 13.45 -37.94 -29.84
N GLU B 72 13.70 -36.68 -30.22
CA GLU B 72 15.03 -36.06 -30.13
C GLU B 72 15.45 -35.94 -28.67
N ILE B 73 14.55 -35.45 -27.82
CA ILE B 73 14.86 -35.27 -26.42
C ILE B 73 15.21 -36.60 -25.75
N VAL B 74 14.38 -37.62 -26.00
CA VAL B 74 14.59 -38.95 -25.44
C VAL B 74 15.96 -39.52 -25.86
N GLU B 75 16.22 -39.45 -27.15
CA GLU B 75 17.50 -39.82 -27.74
C GLU B 75 18.66 -39.08 -27.05
N ARG B 76 18.60 -37.76 -27.02
CA ARG B 76 19.73 -36.93 -26.68
C ARG B 76 20.03 -36.84 -25.16
N TYR B 77 19.00 -36.94 -24.33
CA TYR B 77 19.14 -36.66 -22.89
C TYR B 77 18.87 -37.85 -21.98
N ASP B 78 19.39 -37.76 -20.75
CA ASP B 78 19.19 -38.78 -19.73
C ASP B 78 18.19 -38.33 -18.67
N LEU B 79 18.13 -37.03 -18.44
CA LEU B 79 17.23 -36.42 -17.47
C LEU B 79 16.68 -35.13 -18.08
N VAL B 80 15.37 -34.91 -17.94
CA VAL B 80 14.77 -33.59 -18.22
C VAL B 80 14.36 -33.00 -16.90
N LEU B 81 14.97 -31.87 -16.54
CA LEU B 81 14.68 -31.22 -15.28
C LEU B 81 14.06 -29.86 -15.56
N SER B 82 12.77 -29.72 -15.27
CA SER B 82 12.06 -28.46 -15.49
C SER B 82 11.83 -27.65 -14.20
N PHE B 83 11.73 -26.33 -14.33
CA PHE B 83 11.46 -25.44 -13.19
C PHE B 83 10.20 -24.63 -13.44
N HIS B 84 9.22 -24.77 -12.55
CA HIS B 84 7.97 -23.99 -12.59
C HIS B 84 7.12 -24.30 -13.81
N CYS B 85 7.21 -25.52 -14.32
CA CYS B 85 6.45 -25.88 -15.51
C CYS B 85 4.94 -25.75 -15.31
N LYS B 86 4.25 -25.21 -16.30
CA LYS B 86 2.80 -25.06 -16.20
C LYS B 86 2.00 -25.85 -17.22
N GLN B 87 2.67 -26.33 -18.26
CA GLN B 87 2.11 -27.22 -19.26
C GLN B 87 2.43 -28.69 -18.88
N ARG B 88 1.56 -29.62 -19.28
CA ARG B 88 1.73 -31.05 -19.03
C ARG B 88 2.64 -31.70 -20.06
N PHE B 89 3.52 -32.59 -19.62
CA PHE B 89 4.45 -33.28 -20.51
C PHE B 89 3.75 -34.40 -21.27
N PRO B 90 4.09 -34.59 -22.56
CA PRO B 90 3.54 -35.72 -23.33
C PRO B 90 3.89 -37.06 -22.69
N ALA B 91 2.91 -37.96 -22.63
CA ALA B 91 3.10 -39.27 -21.99
C ALA B 91 4.33 -39.98 -22.56
N ALA B 92 4.56 -39.78 -23.86
CA ALA B 92 5.71 -40.34 -24.57
C ALA B 92 7.07 -39.92 -23.97
N LEU B 93 7.16 -38.65 -23.57
CA LEU B 93 8.36 -38.08 -22.97
C LEU B 93 8.58 -38.64 -21.57
N ILE B 94 7.52 -38.63 -20.77
CA ILE B 94 7.54 -39.21 -19.43
C ILE B 94 8.04 -40.66 -19.45
N ASP B 95 7.52 -41.49 -20.37
CA ASP B 95 7.95 -42.91 -20.45
C ASP B 95 9.31 -43.11 -21.07
N GLY B 96 9.73 -42.18 -21.93
CA GLY B 96 11.00 -42.29 -22.62
C GLY B 96 12.24 -41.79 -21.91
N VAL B 97 12.08 -40.84 -21.00
CA VAL B 97 13.22 -40.24 -20.29
C VAL B 97 12.75 -39.86 -18.89
N ARG B 98 13.64 -39.90 -17.91
CA ARG B 98 13.32 -39.49 -16.55
C ARG B 98 13.10 -37.96 -16.50
N CYS B 99 11.91 -37.58 -16.02
CA CYS B 99 11.47 -36.20 -15.97
C CYS B 99 11.20 -35.76 -14.54
N VAL B 100 11.89 -34.71 -14.10
CA VAL B 100 11.72 -34.15 -12.78
C VAL B 100 11.40 -32.65 -12.89
N ASN B 101 10.45 -32.19 -12.07
CA ASN B 101 10.07 -30.78 -12.02
C ASN B 101 10.29 -30.17 -10.65
N VAL B 102 10.68 -28.89 -10.63
CA VAL B 102 10.77 -28.11 -9.40
C VAL B 102 9.60 -27.13 -9.37
N HIS B 103 8.76 -27.23 -8.35
CA HIS B 103 7.56 -26.39 -8.27
C HIS B 103 7.62 -25.51 -7.04
N PRO B 104 7.43 -24.18 -7.21
CA PRO B 104 7.51 -23.33 -6.02
C PRO B 104 6.18 -23.33 -5.21
N GLY B 105 5.70 -24.52 -4.85
CA GLY B 105 4.56 -24.70 -3.95
C GLY B 105 4.88 -25.90 -3.08
N PHE B 106 4.07 -26.12 -2.05
CA PHE B 106 4.22 -27.31 -1.21
C PHE B 106 3.19 -28.38 -1.61
N ASN B 107 3.56 -29.25 -2.56
CA ASN B 107 2.65 -30.28 -3.05
C ASN B 107 2.15 -31.11 -1.89
N PRO B 108 0.86 -31.51 -1.89
CA PRO B 108 -0.14 -31.27 -2.92
C PRO B 108 -0.98 -30.00 -2.75
N TYR B 109 -0.56 -29.09 -1.87
CA TYR B 109 -1.41 -27.91 -1.59
C TYR B 109 -1.13 -26.78 -2.55
N ASN B 110 -2.19 -26.22 -3.13
CA ASN B 110 -2.08 -25.12 -4.08
C ASN B 110 -1.09 -25.42 -5.20
N ARG B 111 -1.25 -26.61 -5.78
CA ARG B 111 -0.58 -26.98 -6.99
C ARG B 111 -0.96 -25.98 -8.09
N GLY B 112 -0.07 -25.82 -9.07
CA GLY B 112 -0.35 -24.94 -10.17
C GLY B 112 0.14 -23.53 -9.92
N TRP B 113 -0.66 -22.57 -10.36
CA TRP B 113 -0.25 -21.18 -10.49
C TRP B 113 -0.06 -20.45 -9.17
N PHE B 114 1.08 -19.77 -9.06
CA PHE B 114 1.39 -18.84 -7.98
C PHE B 114 0.95 -19.33 -6.58
N PRO B 115 1.54 -20.43 -6.10
CA PRO B 115 1.05 -21.02 -4.86
C PRO B 115 0.94 -20.07 -3.65
N GLN B 116 1.92 -19.21 -3.42
CA GLN B 116 1.90 -18.41 -2.21
C GLN B 116 0.75 -17.40 -2.24
N VAL B 117 0.32 -16.96 -3.44
CA VAL B 117 -0.86 -16.11 -3.57
C VAL B 117 -2.05 -16.80 -2.92
N PHE B 118 -2.29 -18.03 -3.33
CA PHE B 118 -3.43 -18.78 -2.82
C PHE B 118 -3.23 -19.24 -1.38
N SER B 119 -1.97 -19.51 -1.03
CA SER B 119 -1.63 -19.94 0.33
C SER B 119 -1.81 -18.83 1.36
N ILE B 120 -1.49 -17.59 0.99
CA ILE B 120 -1.73 -16.47 1.87
C ILE B 120 -3.24 -16.36 2.18
N ILE B 121 -4.07 -16.56 1.15
CA ILE B 121 -5.51 -16.48 1.37
C ILE B 121 -6.09 -17.66 2.11
N ASP B 122 -5.64 -18.89 1.82
CA ASP B 122 -6.32 -20.05 2.39
C ASP B 122 -5.62 -20.65 3.59
N GLY B 123 -4.42 -20.16 3.88
CA GLY B 123 -3.65 -20.63 5.02
C GLY B 123 -3.03 -22.01 4.88
N GLN B 124 -3.10 -22.67 3.72
CA GLN B 124 -2.37 -23.93 3.54
C GLN B 124 -0.86 -23.64 3.46
N LYS B 125 -0.04 -24.67 3.66
CA LYS B 125 1.41 -24.56 3.57
C LYS B 125 1.85 -24.13 2.18
N VAL B 126 2.94 -23.39 2.11
CA VAL B 126 3.61 -23.13 0.86
C VAL B 126 5.10 -23.51 1.01
N GLY B 127 5.77 -23.75 -0.11
CA GLY B 127 7.17 -24.15 -0.09
C GLY B 127 7.70 -24.42 -1.48
N VAL B 128 8.73 -25.27 -1.56
CA VAL B 128 9.24 -25.70 -2.84
C VAL B 128 9.24 -27.22 -2.84
N THR B 129 8.80 -27.80 -3.95
CA THR B 129 8.72 -29.24 -4.06
C THR B 129 9.47 -29.68 -5.30
N ILE B 130 10.37 -30.66 -5.15
CA ILE B 130 11.01 -31.31 -6.28
C ILE B 130 10.31 -32.65 -6.39
N HIS B 131 9.76 -32.96 -7.56
CA HIS B 131 8.98 -34.18 -7.74
C HIS B 131 9.12 -34.78 -9.14
N GLU B 132 8.82 -36.08 -9.23
CA GLU B 132 8.73 -36.74 -10.52
C GLU B 132 7.50 -36.29 -11.28
N ILE B 133 7.62 -36.20 -12.60
CA ILE B 133 6.54 -35.73 -13.41
C ILE B 133 5.69 -36.89 -13.84
N ASP B 134 4.38 -36.79 -13.62
CA ASP B 134 3.43 -37.72 -14.22
C ASP B 134 2.48 -36.95 -15.16
N ASP B 135 1.32 -37.53 -15.46
CA ASP B 135 0.37 -36.96 -16.43
C ASP B 135 -0.42 -35.74 -15.91
N GLN B 136 -0.32 -35.46 -14.61
CA GLN B 136 -0.99 -34.31 -14.04
C GLN B 136 -0.02 -33.25 -13.57
N LEU B 137 -0.55 -32.04 -13.45
CA LEU B 137 0.25 -30.88 -13.16
C LEU B 137 0.61 -30.85 -11.67
N ASP B 138 1.91 -30.77 -11.38
CA ASP B 138 2.47 -30.67 -10.02
C ASP B 138 1.92 -31.76 -9.13
N HIS B 139 2.09 -32.98 -9.60
CA HIS B 139 1.45 -34.19 -9.07
C HIS B 139 2.52 -35.27 -9.25
N GLY B 140 2.42 -36.37 -8.52
CA GLY B 140 3.45 -37.40 -8.73
C GLY B 140 4.58 -37.38 -7.70
N PRO B 141 5.26 -38.52 -7.52
CA PRO B 141 6.08 -38.79 -6.33
C PRO B 141 7.05 -37.67 -5.97
N ILE B 142 7.00 -37.23 -4.71
CA ILE B 142 7.83 -36.13 -4.22
C ILE B 142 9.23 -36.63 -3.86
N ILE B 143 10.24 -35.98 -4.42
CA ILE B 143 11.64 -36.26 -4.14
C ILE B 143 12.12 -35.53 -2.88
N ALA B 144 11.87 -34.22 -2.80
CA ALA B 144 12.26 -33.41 -1.66
C ALA B 144 11.37 -32.19 -1.65
N GLN B 145 11.01 -31.73 -0.45
CA GLN B 145 10.28 -30.47 -0.32
C GLN B 145 10.65 -29.73 0.97
N ARG B 146 10.50 -28.41 1.00
CA ARG B 146 10.83 -27.63 2.18
C ARG B 146 9.76 -26.55 2.33
N GLU B 147 9.22 -26.42 3.53
CA GLU B 147 8.17 -25.46 3.82
C GLU B 147 8.73 -24.05 3.96
N CYS B 148 7.91 -23.06 3.60
CA CYS B 148 8.26 -21.69 3.83
C CYS B 148 7.19 -21.06 4.72
N ALA B 149 7.60 -20.43 5.81
CA ALA B 149 6.61 -19.83 6.72
C ALA B 149 6.02 -18.57 6.09
N ILE B 150 4.72 -18.38 6.26
CA ILE B 150 4.09 -17.13 5.85
C ILE B 150 3.83 -16.29 7.10
N GLU B 151 4.48 -15.14 7.19
CA GLU B 151 4.27 -14.24 8.32
C GLU B 151 3.06 -13.39 8.06
N SER B 152 2.50 -12.88 9.13
CA SER B 152 1.32 -12.04 9.05
C SER B 152 1.60 -10.72 8.31
N TRP B 153 2.85 -10.34 8.17
CA TRP B 153 3.20 -9.11 7.45
C TRP B 153 3.71 -9.38 6.03
N ASP B 154 3.76 -10.66 5.66
CA ASP B 154 4.24 -11.03 4.34
C ASP B 154 3.25 -10.64 3.26
N SER B 155 3.78 -10.31 2.09
CA SER B 155 3.01 -10.20 0.87
C SER B 155 3.46 -11.31 -0.07
N SER B 156 2.73 -11.50 -1.16
CA SER B 156 3.14 -12.45 -2.18
C SER B 156 4.60 -12.22 -2.62
N GLY B 157 4.96 -10.95 -2.84
CA GLY B 157 6.30 -10.59 -3.22
C GLY B 157 7.34 -11.07 -2.24
N SER B 158 7.13 -10.76 -0.96
CA SER B 158 8.12 -11.09 0.04
C SER B 158 8.24 -12.59 0.26
N VAL B 159 7.12 -13.32 0.26
CA VAL B 159 7.21 -14.78 0.32
C VAL B 159 7.98 -15.31 -0.90
N TYR B 160 7.64 -14.82 -2.08
CA TYR B 160 8.22 -15.34 -3.29
C TYR B 160 9.75 -15.22 -3.29
N ALA B 161 10.26 -14.07 -2.83
CA ALA B 161 11.70 -13.92 -2.71
C ALA B 161 12.29 -15.05 -1.85
N ARG B 162 11.62 -15.35 -0.74
CA ARG B 162 12.13 -16.40 0.14
C ARG B 162 12.03 -17.76 -0.55
N LEU B 163 10.95 -17.97 -1.30
CA LEU B 163 10.78 -19.20 -2.07
C LEU B 163 11.89 -19.40 -3.06
N MET B 164 12.33 -18.33 -3.71
CA MET B 164 13.43 -18.43 -4.64
C MET B 164 14.76 -18.81 -3.96
N ASP B 165 14.94 -18.38 -2.72
CA ASP B 165 16.12 -18.79 -1.96
C ASP B 165 16.05 -20.23 -1.56
N ILE B 166 14.85 -20.65 -1.14
CA ILE B 166 14.65 -22.02 -0.70
C ILE B 166 14.89 -22.92 -1.91
N GLU B 167 14.31 -22.55 -3.05
CA GLU B 167 14.49 -23.33 -4.27
C GLU B 167 15.98 -23.53 -4.58
N ARG B 168 16.75 -22.45 -4.57
CA ARG B 168 18.20 -22.53 -4.77
C ARG B 168 18.85 -23.51 -3.80
N GLU B 169 18.55 -23.39 -2.50
CA GLU B 169 19.20 -24.26 -1.52
C GLU B 169 18.77 -25.71 -1.64
N LEU B 170 17.48 -25.92 -1.80
CA LEU B 170 16.96 -27.26 -1.94
C LEU B 170 17.51 -27.95 -3.19
N VAL B 171 17.58 -27.23 -4.30
CA VAL B 171 18.12 -27.82 -5.53
C VAL B 171 19.62 -28.14 -5.41
N LEU B 172 20.41 -27.18 -4.93
CA LEU B 172 21.83 -27.44 -4.74
C LEU B 172 22.06 -28.59 -3.77
N GLU B 173 21.26 -28.68 -2.71
CA GLU B 173 21.42 -29.79 -1.78
C GLU B 173 21.19 -31.16 -2.42
N HIS B 174 20.14 -31.26 -3.24
CA HIS B 174 19.71 -32.54 -3.80
C HIS B 174 20.17 -32.79 -5.22
N PHE B 175 20.98 -31.88 -5.76
CA PHE B 175 21.36 -32.00 -7.16
C PHE B 175 21.99 -33.33 -7.55
N ASP B 176 23.00 -33.79 -6.79
CA ASP B 176 23.68 -35.03 -7.16
C ASP B 176 22.68 -36.15 -7.27
N ALA B 177 21.76 -36.22 -6.31
CA ALA B 177 20.77 -37.29 -6.22
C ALA B 177 19.79 -37.21 -7.38
N ILE B 178 19.43 -35.99 -7.75
CA ILE B 178 18.53 -35.76 -8.86
C ILE B 178 19.20 -36.23 -10.14
N ARG B 179 20.48 -35.88 -10.27
CA ARG B 179 21.30 -36.22 -11.42
C ARG B 179 21.49 -37.73 -11.52
N ASP B 180 22.05 -38.33 -10.47
CA ASP B 180 22.12 -39.77 -10.21
C ASP B 180 20.87 -40.61 -10.43
N GLY B 181 19.72 -40.03 -10.14
CA GLY B 181 18.50 -40.79 -9.96
C GLY B 181 18.46 -41.63 -8.70
N SER B 182 19.30 -41.35 -7.71
CA SER B 182 19.42 -42.20 -6.51
C SER B 182 18.47 -41.93 -5.36
N TYR B 183 17.44 -41.10 -5.59
CA TYR B 183 16.54 -40.68 -4.51
C TYR B 183 15.44 -41.72 -4.25
N THR B 184 14.83 -41.65 -3.07
CA THR B 184 13.51 -42.21 -2.89
C THR B 184 12.47 -41.14 -3.21
N ALA B 185 11.33 -41.55 -3.72
CA ALA B 185 10.25 -40.61 -3.98
C ALA B 185 8.96 -41.15 -3.36
N LYS B 186 8.16 -40.26 -2.80
CA LYS B 186 6.92 -40.70 -2.17
C LYS B 186 5.73 -39.94 -2.73
N SER B 187 4.70 -40.67 -3.15
CA SER B 187 3.44 -40.05 -3.58
C SER B 187 2.74 -39.35 -2.44
N PRO B 188 2.18 -38.16 -2.70
CA PRO B 188 1.52 -37.52 -1.57
C PRO B 188 0.28 -38.32 -1.22
N ALA B 189 -0.11 -38.27 0.07
CA ALA B 189 -1.25 -39.05 0.57
C ALA B 189 -2.55 -38.70 -0.14
N THR B 190 -2.75 -37.42 -0.47
CA THR B 190 -3.99 -36.92 -1.06
C THR B 190 -3.76 -36.15 -2.36
N GLU B 191 -4.84 -35.75 -3.02
CA GLU B 191 -4.77 -35.05 -4.30
C GLU B 191 -4.46 -33.56 -4.19
N GLY B 192 -4.86 -32.95 -3.08
CA GLY B 192 -4.71 -31.51 -2.90
C GLY B 192 -5.68 -30.71 -3.74
N ASN B 193 -5.26 -29.53 -4.14
CA ASN B 193 -6.07 -28.68 -5.00
C ASN B 193 -5.16 -28.08 -6.07
N LEU B 194 -5.76 -27.69 -7.20
CA LEU B 194 -5.01 -27.15 -8.32
C LEU B 194 -5.56 -25.76 -8.63
N ASN B 195 -4.69 -24.77 -8.80
CA ASN B 195 -5.12 -23.42 -9.20
C ASN B 195 -4.55 -23.09 -10.56
N LEU B 196 -5.35 -22.44 -11.39
CA LEU B 196 -4.95 -22.16 -12.77
C LEU B 196 -4.95 -20.65 -13.01
N LYS B 197 -4.38 -20.20 -14.14
CA LYS B 197 -4.32 -18.77 -14.44
C LYS B 197 -5.67 -18.06 -14.24
N LYS B 198 -6.78 -18.69 -14.66
CA LYS B 198 -8.17 -18.14 -14.54
C LYS B 198 -8.44 -17.81 -13.08
N ASP B 199 -8.00 -18.70 -12.18
CA ASP B 199 -8.21 -18.51 -10.74
C ASP B 199 -7.50 -17.26 -10.22
N PHE B 200 -6.26 -17.06 -10.65
CA PHE B 200 -5.53 -15.87 -10.28
C PHE B 200 -6.22 -14.65 -10.88
N GLU B 201 -6.56 -14.72 -12.16
CA GLU B 201 -7.29 -13.60 -12.80
C GLU B 201 -8.56 -13.21 -12.06
N GLN B 202 -9.35 -14.20 -11.62
CA GLN B 202 -10.51 -13.93 -10.78
C GLN B 202 -10.21 -13.20 -9.46
N LEU B 203 -9.12 -13.55 -8.80
CA LEU B 203 -8.74 -12.92 -7.54
C LEU B 203 -8.48 -11.45 -7.69
N ARG B 204 -8.00 -11.05 -8.87
CA ARG B 204 -7.49 -9.71 -9.09
C ARG B 204 -8.58 -8.68 -8.98
N ARG B 205 -9.78 -9.06 -9.43
CA ARG B 205 -10.91 -8.16 -9.43
C ARG B 205 -11.44 -8.01 -7.99
N LEU B 206 -11.30 -6.82 -7.43
CA LEU B 206 -11.82 -6.54 -6.11
C LEU B 206 -13.28 -6.09 -6.20
N ASP B 207 -14.15 -6.69 -5.41
CA ASP B 207 -15.56 -6.29 -5.40
C ASP B 207 -15.77 -5.39 -4.19
N LEU B 208 -15.92 -4.10 -4.43
CA LEU B 208 -15.97 -3.16 -3.34
C LEU B 208 -17.18 -3.35 -2.41
N ASN B 209 -18.17 -4.13 -2.86
CA ASN B 209 -19.34 -4.41 -2.03
C ASN B 209 -19.26 -5.71 -1.28
N GLU B 210 -18.23 -6.51 -1.54
CA GLU B 210 -18.05 -7.76 -0.83
C GLU B 210 -17.92 -7.51 0.68
N ARG B 211 -18.61 -8.31 1.48
CA ARG B 211 -18.49 -8.23 2.93
C ARG B 211 -17.50 -9.29 3.40
N GLY B 212 -16.74 -8.96 4.45
CA GLY B 212 -15.87 -9.94 5.10
C GLY B 212 -15.22 -9.32 6.32
N THR B 213 -14.31 -10.05 6.95
CA THR B 213 -13.52 -9.48 8.04
C THR B 213 -12.39 -8.63 7.48
N PHE B 214 -11.89 -7.72 8.30
CA PHE B 214 -10.76 -6.91 7.95
C PHE B 214 -9.55 -7.79 7.63
N GLY B 215 -9.33 -8.82 8.45
CA GLY B 215 -8.21 -9.72 8.26
C GLY B 215 -8.28 -10.42 6.92
N HIS B 216 -9.50 -10.79 6.54
CA HIS B 216 -9.74 -11.46 5.27
C HIS B 216 -9.35 -10.56 4.12
N PHE B 217 -9.87 -9.35 4.12
CA PHE B 217 -9.61 -8.39 3.07
C PHE B 217 -8.11 -8.08 3.01
N LEU B 218 -7.48 -7.98 4.17
CA LEU B 218 -6.07 -7.67 4.26
C LEU B 218 -5.22 -8.80 3.68
N ASN B 219 -5.65 -10.04 3.87
CA ASN B 219 -4.97 -11.17 3.26
C ASN B 219 -5.09 -11.12 1.77
N ARG B 220 -6.31 -10.90 1.29
CA ARG B 220 -6.54 -10.68 -0.13
C ARG B 220 -5.59 -9.64 -0.74
N LEU B 221 -5.40 -8.49 -0.10
CA LEU B 221 -4.53 -7.48 -0.71
C LEU B 221 -3.06 -7.86 -0.66
N ARG B 222 -2.61 -8.44 0.46
CA ARG B 222 -1.21 -8.78 0.55
C ARG B 222 -0.86 -9.93 -0.39
N ALA B 223 -1.81 -10.84 -0.54
CA ALA B 223 -1.72 -11.92 -1.54
C ALA B 223 -1.51 -11.40 -2.94
N LEU B 224 -2.12 -10.25 -3.25
CA LEU B 224 -2.03 -9.68 -4.58
C LEU B 224 -0.94 -8.61 -4.72
N THR B 225 -0.15 -8.41 -3.66
CA THR B 225 0.94 -7.44 -3.63
C THR B 225 2.26 -8.15 -3.92
N HIS B 226 2.87 -7.80 -5.04
CA HIS B 226 4.14 -8.38 -5.43
C HIS B 226 4.96 -7.29 -6.12
N ASP B 227 5.84 -6.66 -5.35
CA ASP B 227 6.56 -5.46 -5.77
C ASP B 227 5.65 -4.52 -6.54
N ASP B 228 5.97 -4.32 -7.82
CA ASP B 228 5.31 -3.34 -8.67
C ASP B 228 4.13 -3.84 -9.48
N PHE B 229 3.91 -5.15 -9.50
CA PHE B 229 2.81 -5.73 -10.27
C PHE B 229 1.51 -5.04 -9.91
N ARG B 230 0.81 -4.54 -10.92
CA ARG B 230 -0.53 -3.99 -10.76
CA ARG B 230 -0.50 -4.00 -10.69
C ARG B 230 -1.52 -5.15 -10.87
N ASN B 231 -1.69 -5.93 -9.79
CA ASN B 231 -2.61 -7.07 -9.82
C ASN B 231 -4.02 -6.73 -9.41
N ALA B 232 -4.18 -6.28 -8.17
CA ALA B 232 -5.50 -5.97 -7.62
C ALA B 232 -6.05 -4.70 -8.25
N TRP B 233 -7.33 -4.75 -8.62
CA TRP B 233 -7.97 -3.60 -9.23
C TRP B 233 -9.47 -3.54 -9.00
N PHE B 234 -10.00 -2.33 -9.11
CA PHE B 234 -11.43 -2.12 -9.09
C PHE B 234 -11.78 -1.01 -10.06
N VAL B 235 -13.05 -0.89 -10.43
CA VAL B 235 -13.45 0.16 -11.31
C VAL B 235 -14.37 1.07 -10.52
N ASP B 236 -13.95 2.32 -10.33
CA ASP B 236 -14.73 3.28 -9.55
C ASP B 236 -16.01 3.76 -10.24
N ALA B 237 -16.81 4.53 -9.51
CA ALA B 237 -18.10 5.04 -9.99
C ALA B 237 -17.98 5.78 -11.33
N SER B 238 -16.88 6.51 -11.52
CA SER B 238 -16.69 7.26 -12.77
C SER B 238 -16.13 6.42 -13.91
N GLY B 239 -16.10 5.09 -13.71
CA GLY B 239 -15.58 4.15 -14.72
C GLY B 239 -14.06 4.06 -14.87
N ARG B 240 -13.33 4.46 -13.83
CA ARG B 240 -11.88 4.51 -13.87
C ARG B 240 -11.25 3.31 -13.16
N LYS B 241 -10.32 2.66 -13.83
CA LYS B 241 -9.69 1.49 -13.23
C LYS B 241 -8.60 1.94 -12.29
N VAL B 242 -8.60 1.38 -11.09
CA VAL B 242 -7.66 1.74 -10.04
C VAL B 242 -6.98 0.48 -9.53
N PHE B 243 -5.65 0.48 -9.52
CA PHE B 243 -4.87 -0.62 -8.94
C PHE B 243 -4.52 -0.40 -7.48
N VAL B 244 -4.48 -1.49 -6.72
CA VAL B 244 -4.30 -1.45 -5.28
C VAL B 244 -3.21 -2.42 -4.85
N ARG B 245 -2.25 -1.92 -4.07
CA ARG B 245 -1.38 -2.80 -3.30
C ARG B 245 -1.20 -2.29 -1.87
N VAL B 246 -0.73 -3.18 -1.00
CA VAL B 246 -0.63 -2.87 0.41
C VAL B 246 0.84 -2.94 0.85
N VAL B 247 1.19 -2.17 1.88
CA VAL B 247 2.55 -2.16 2.42
C VAL B 247 2.45 -2.52 3.91
N LEU B 248 2.99 -3.68 4.27
CA LEU B 248 2.96 -4.15 5.65
C LEU B 248 4.35 -4.15 6.24
N GLU B 249 4.48 -3.59 7.43
CA GLU B 249 5.77 -3.41 8.06
C GLU B 249 5.69 -3.82 9.54
N PRO B 250 6.40 -4.90 9.95
CA PRO B 250 6.36 -5.30 11.35
C PRO B 250 7.27 -4.43 12.18
N GLU B 251 6.94 -4.17 13.45
CA GLU B 251 7.83 -3.42 14.35
C GLU B 251 9.18 -4.14 14.53
N LYS B 252 10.23 -3.37 14.86
CA LYS B 252 11.61 -3.88 15.08
C LYS B 252 11.69 -4.96 16.20
N PRO B 253 12.11 -6.21 15.86
CA PRO B 253 12.16 -7.27 16.90
C PRO B 253 13.34 -7.11 17.86
#